data_5F5C
#
_entry.id   5F5C
#
_cell.length_a   71.594
_cell.length_b   71.594
_cell.length_c   150.790
_cell.angle_alpha   90.000
_cell.angle_beta   90.000
_cell.angle_gamma   90.000
#
_symmetry.space_group_name_H-M   'P 43 21 2'
#
loop_
_entity.id
_entity.type
_entity.pdbx_description
1 polymer 'Lysine-specific demethylase 4D'
2 non-polymer 'ZINC ION'
3 non-polymer 'NICKEL (II) ION'
4 non-polymer 1,2-ETHANEDIOL
5 non-polymer 'SULFATE ION'
6 non-polymer 8-[[(phenylmethyl)amino]methyl]-1~{H}-pyrido[3,4-d]pyrimidin-4-one
7 water water
#
_entity_poly.entity_id   1
_entity_poly.type   'polypeptide(L)'
_entity_poly.pdbx_seq_one_letter_code
;YFQSMETMKSKANCAQNPNCNIMIFHPTKEEFNDFDKYIAYMESQGAHRAGLAKIIPPKEWKARETYDNISEILIATPLQ
QVASGRAGVFTQYHKKKKAMTVGEYRHLANSKKYQTPPHQNFEDLERKYWKNRIYNSPIYGADISGSLFDENTKQWNLGH
LGTIQDLLEKECGVVIEGVNTPYLYFGMWKTTFAWHTEDMDLYSINYLHLGEPKTWYVVPPEHGQRLERLARELFPGSSR
GCGAFLRHKVALISPTVLKENGIPFNRITQEAGEFMVTFPYGYHAGFNHGFNCAEAINFATPRWIDYGKMASQCSCGEAR
VTFSMDAFVRILQPERYDLWKRGQDR
;
_entity_poly.pdbx_strand_id   A
#
loop_
_chem_comp.id
_chem_comp.type
_chem_comp.name
_chem_comp.formula
5V3 non-polymer 8-[[(phenylmethyl)amino]methyl]-1~{H}-pyrido[3,4-d]pyrimidin-4-one 'C15 H14 N4 O'
EDO non-polymer 1,2-ETHANEDIOL 'C2 H6 O2'
NI non-polymer 'NICKEL (II) ION' 'Ni 2'
SO4 non-polymer 'SULFATE ION' 'O4 S -2'
ZN non-polymer 'ZINC ION' 'Zn 2'
#
# COMPACT_ATOMS: atom_id res chain seq x y z
N ALA A 15 -0.81 17.22 -22.34
CA ALA A 15 -0.54 16.38 -21.09
C ALA A 15 -1.58 15.24 -20.96
N GLN A 16 -1.11 14.00 -20.81
CA GLN A 16 -1.98 12.84 -20.74
C GLN A 16 -2.65 12.75 -19.38
N ASN A 17 -3.91 12.32 -19.39
CA ASN A 17 -4.70 12.12 -18.17
C ASN A 17 -4.69 13.36 -17.24
N PRO A 18 -5.11 14.51 -17.77
CA PRO A 18 -5.08 15.74 -16.99
C PRO A 18 -6.02 15.77 -15.80
N ASN A 19 -7.14 15.05 -15.87
CA ASN A 19 -8.01 14.94 -14.70
C ASN A 19 -7.49 13.93 -13.61
N CYS A 20 -6.37 13.26 -13.87
CA CYS A 20 -5.77 12.29 -12.91
C CYS A 20 -6.74 11.12 -12.59
N ASN A 21 -7.39 10.58 -13.61
CA ASN A 21 -8.24 9.43 -13.42
C ASN A 21 -7.43 8.19 -13.21
N ILE A 22 -7.96 7.23 -12.44
CA ILE A 22 -7.31 5.96 -12.31
C ILE A 22 -7.50 5.19 -13.63
N MET A 23 -6.42 4.74 -14.22
CA MET A 23 -6.47 4.06 -15.51
C MET A 23 -6.30 2.53 -15.28
N ILE A 24 -6.92 1.76 -16.16
CA ILE A 24 -6.93 0.32 -16.10
C ILE A 24 -6.29 -0.16 -17.37
N PHE A 25 -5.32 -1.05 -17.23
CA PHE A 25 -4.56 -1.58 -18.38
C PHE A 25 -4.77 -3.08 -18.60
N HIS A 26 -4.75 -3.50 -19.86
CA HIS A 26 -4.93 -4.90 -20.24
C HIS A 26 -3.77 -5.32 -21.12
N PRO A 27 -2.56 -5.46 -20.56
CA PRO A 27 -1.38 -5.88 -21.38
C PRO A 27 -1.61 -7.26 -22.04
N THR A 28 -1.13 -7.40 -23.27
CA THR A 28 -1.08 -8.70 -23.93
C THR A 28 0.03 -9.52 -23.25
N LYS A 29 0.05 -10.81 -23.56
CA LYS A 29 1.13 -11.65 -23.09
C LYS A 29 2.52 -11.15 -23.52
N GLU A 30 2.65 -10.58 -24.71
CA GLU A 30 3.94 -10.07 -25.18
C GLU A 30 4.33 -8.82 -24.39
N GLU A 31 3.34 -8.00 -24.09
CA GLU A 31 3.54 -6.79 -23.29
C GLU A 31 3.84 -7.02 -21.83
N PHE A 32 3.53 -8.21 -21.34
CA PHE A 32 3.69 -8.61 -19.95
C PHE A 32 5.11 -9.13 -19.68
N ASN A 33 5.97 -9.19 -20.71
CA ASN A 33 7.32 -9.72 -20.54
C ASN A 33 8.28 -8.81 -19.82
N ASP A 34 8.25 -7.55 -20.20
CA ASP A 34 9.20 -6.56 -19.74
C ASP A 34 8.52 -5.59 -18.79
N PHE A 35 8.70 -5.84 -17.49
CA PHE A 35 8.02 -5.10 -16.43
C PHE A 35 8.30 -3.59 -16.51
N ASP A 36 9.59 -3.23 -16.49
N ASP A 36 9.57 -3.24 -16.53
CA ASP A 36 10.04 -1.85 -16.53
CA ASP A 36 9.98 -1.86 -16.52
C ASP A 36 9.43 -1.11 -17.73
C ASP A 36 9.50 -1.08 -17.74
N LYS A 37 9.47 -1.75 -18.90
CA LYS A 37 8.94 -1.14 -20.13
C LYS A 37 7.44 -0.83 -20.02
N TYR A 38 6.70 -1.77 -19.41
CA TYR A 38 5.27 -1.53 -19.23
C TYR A 38 4.94 -0.45 -18.19
N ILE A 39 5.74 -0.33 -17.13
CA ILE A 39 5.54 0.78 -16.21
C ILE A 39 5.75 2.09 -16.96
N ALA A 40 6.85 2.19 -17.72
CA ALA A 40 7.11 3.37 -18.51
C ALA A 40 5.98 3.65 -19.51
N TYR A 41 5.45 2.60 -20.17
CA TYR A 41 4.32 2.79 -21.09
C TYR A 41 3.10 3.39 -20.35
N MET A 42 2.79 2.83 -19.20
N MET A 42 2.78 2.81 -19.19
CA MET A 42 1.69 3.36 -18.41
CA MET A 42 1.68 3.33 -18.34
C MET A 42 1.82 4.86 -18.10
C MET A 42 1.82 4.83 -18.08
N GLU A 43 3.02 5.26 -17.72
CA GLU A 43 3.29 6.67 -17.42
C GLU A 43 3.21 7.53 -18.71
N SER A 44 3.62 6.97 -19.85
CA SER A 44 3.48 7.68 -21.12
C SER A 44 2.03 8.00 -21.40
N GLN A 45 1.11 7.17 -20.91
CA GLN A 45 -0.34 7.43 -21.05
C GLN A 45 -0.94 8.25 -19.89
N GLY A 46 -0.07 8.68 -18.97
CA GLY A 46 -0.46 9.54 -17.86
C GLY A 46 -0.97 8.82 -16.61
N ALA A 47 -0.69 7.52 -16.51
CA ALA A 47 -1.31 6.72 -15.42
C ALA A 47 -0.92 7.23 -14.04
N HIS A 48 0.35 7.63 -13.94
CA HIS A 48 0.93 8.10 -12.70
C HIS A 48 0.22 9.32 -12.14
N ARG A 49 -0.44 10.10 -12.99
CA ARG A 49 -1.14 11.29 -12.46
C ARG A 49 -2.21 10.98 -11.41
N ALA A 50 -2.83 9.81 -11.53
CA ALA A 50 -3.79 9.34 -10.57
C ALA A 50 -3.20 8.94 -9.20
N GLY A 51 -1.94 8.50 -9.20
CA GLY A 51 -1.31 7.93 -8.00
C GLY A 51 -1.44 6.43 -7.91
N LEU A 52 -2.31 5.86 -8.74
CA LEU A 52 -2.64 4.41 -8.68
C LEU A 52 -3.17 3.97 -10.07
N ALA A 53 -2.81 2.75 -10.50
CA ALA A 53 -3.27 2.15 -11.77
C ALA A 53 -3.63 0.68 -11.48
N LYS A 54 -4.59 0.16 -12.21
CA LYS A 54 -4.97 -1.25 -12.20
C LYS A 54 -4.39 -1.89 -13.44
N ILE A 55 -3.79 -3.07 -13.24
CA ILE A 55 -3.33 -3.90 -14.33
C ILE A 55 -3.98 -5.28 -14.28
N ILE A 56 -4.68 -5.60 -15.35
CA ILE A 56 -5.34 -6.88 -15.48
C ILE A 56 -4.41 -7.76 -16.33
N PRO A 57 -3.94 -8.88 -15.77
CA PRO A 57 -3.02 -9.72 -16.53
C PRO A 57 -3.65 -10.38 -17.73
N PRO A 58 -2.81 -10.69 -18.73
CA PRO A 58 -3.37 -11.47 -19.82
C PRO A 58 -3.99 -12.80 -19.32
N LYS A 59 -4.98 -13.24 -20.08
CA LYS A 59 -5.77 -14.46 -19.77
C LYS A 59 -4.88 -15.69 -19.74
N GLU A 60 -3.73 -15.61 -20.39
CA GLU A 60 -2.81 -16.77 -20.42
C GLU A 60 -1.99 -16.89 -19.14
N TRP A 61 -1.95 -15.86 -18.31
CA TRP A 61 -0.99 -15.78 -17.20
C TRP A 61 -1.61 -16.29 -15.90
N LYS A 62 -0.80 -16.88 -15.02
CA LYS A 62 -1.24 -17.22 -13.67
C LYS A 62 -0.10 -17.01 -12.72
N ALA A 63 -0.40 -16.62 -11.48
CA ALA A 63 0.60 -16.46 -10.44
C ALA A 63 1.19 -17.78 -9.97
N ARG A 64 0.33 -18.78 -9.81
CA ARG A 64 0.72 -20.12 -9.38
C ARG A 64 -0.42 -21.04 -9.75
N GLU A 65 -0.23 -22.34 -9.58
CA GLU A 65 -1.20 -23.32 -10.08
C GLU A 65 -2.46 -23.29 -9.26
N THR A 66 -2.36 -23.46 -7.94
CA THR A 66 -3.52 -23.39 -7.06
C THR A 66 -3.15 -22.77 -5.75
N TYR A 67 -4.17 -22.36 -5.03
CA TYR A 67 -4.00 -21.89 -3.65
C TYR A 67 -4.51 -22.93 -2.66
N ASP A 68 -4.54 -24.19 -3.07
CA ASP A 68 -5.04 -25.26 -2.19
C ASP A 68 -4.16 -25.62 -0.98
N ASN A 69 -2.89 -25.21 -0.95
CA ASN A 69 -1.94 -25.69 0.05
C ASN A 69 -1.30 -24.57 0.91
N ILE A 70 -2.06 -23.53 1.21
CA ILE A 70 -1.50 -22.34 1.92
C ILE A 70 -1.88 -22.26 3.37
N SER A 71 -2.64 -23.23 3.88
CA SER A 71 -3.21 -23.14 5.22
C SER A 71 -2.20 -23.25 6.36
N GLU A 72 -0.99 -23.78 6.09
CA GLU A 72 0.01 -23.96 7.14
C GLU A 72 0.97 -22.79 7.26
N ILE A 73 0.82 -21.79 6.38
CA ILE A 73 1.54 -20.53 6.53
C ILE A 73 1.21 -19.97 7.93
N LEU A 74 2.23 -19.52 8.66
CA LEU A 74 2.03 -18.92 9.99
C LEU A 74 1.90 -17.41 9.92
N ILE A 75 0.88 -16.88 10.58
CA ILE A 75 0.78 -15.46 10.89
C ILE A 75 1.24 -15.33 12.35
N ALA A 76 2.53 -15.03 12.49
CA ALA A 76 3.17 -14.95 13.79
C ALA A 76 2.57 -13.87 14.73
N THR A 77 2.15 -12.75 14.15
CA THR A 77 1.63 -11.60 14.96
C THR A 77 0.47 -10.98 14.22
N PRO A 78 -0.66 -11.67 14.28
CA PRO A 78 -1.90 -11.00 13.80
C PRO A 78 -2.17 -9.68 14.58
N LEU A 79 -2.74 -8.69 13.88
CA LEU A 79 -2.91 -7.38 14.45
C LEU A 79 -4.40 -7.04 14.51
N GLN A 80 -4.88 -6.81 15.72
CA GLN A 80 -6.23 -6.29 15.89
C GLN A 80 -6.23 -4.78 15.73
N GLN A 81 -7.00 -4.25 14.79
CA GLN A 81 -7.03 -2.85 14.44
C GLN A 81 -8.14 -2.10 15.20
N VAL A 82 -7.75 -1.43 16.28
CA VAL A 82 -8.66 -0.80 17.18
C VAL A 82 -8.79 0.68 16.83
N ALA A 83 -10.02 1.15 16.59
CA ALA A 83 -10.19 2.50 16.13
C ALA A 83 -10.52 3.48 17.26
N SER A 84 -10.14 4.74 17.06
N SER A 84 -10.23 4.75 17.01
CA SER A 84 -10.61 5.84 17.91
CA SER A 84 -10.57 5.83 17.93
C SER A 84 -10.96 7.04 17.06
C SER A 84 -10.90 7.09 17.12
N GLY A 85 -12.03 7.75 17.41
CA GLY A 85 -12.41 8.98 16.72
C GLY A 85 -13.86 8.89 16.30
N ARG A 86 -14.18 9.45 15.14
CA ARG A 86 -15.56 9.42 14.64
C ARG A 86 -15.56 8.60 13.40
N ALA A 87 -16.77 8.28 12.91
CA ALA A 87 -16.90 7.32 11.81
C ALA A 87 -16.06 7.65 10.57
N GLY A 88 -16.03 8.92 10.17
CA GLY A 88 -15.22 9.37 9.05
C GLY A 88 -13.82 9.94 9.28
N VAL A 89 -13.42 10.09 10.53
CA VAL A 89 -12.12 10.65 10.88
C VAL A 89 -11.70 9.91 12.12
N PHE A 90 -10.86 8.89 11.94
CA PHE A 90 -10.42 8.09 13.06
C PHE A 90 -8.97 7.69 12.89
N THR A 91 -8.38 7.28 13.99
CA THR A 91 -7.08 6.60 13.94
C THR A 91 -7.27 5.13 14.34
N GLN A 92 -6.30 4.28 13.98
CA GLN A 92 -6.29 2.90 14.43
C GLN A 92 -4.94 2.54 15.01
N TYR A 93 -4.94 1.72 16.05
CA TYR A 93 -3.73 1.17 16.61
C TYR A 93 -3.76 -0.33 16.52
N HIS A 94 -2.60 -0.96 16.54
CA HIS A 94 -2.49 -2.37 16.24
C HIS A 94 -2.19 -3.10 17.53
N LYS A 95 -3.14 -3.87 18.03
CA LYS A 95 -2.92 -4.72 19.19
C LYS A 95 -2.46 -6.11 18.74
N LYS A 96 -1.28 -6.54 19.17
CA LYS A 96 -0.73 -7.84 18.80
C LYS A 96 -1.56 -8.98 19.39
N LYS A 97 -1.86 -10.01 18.60
CA LYS A 97 -2.63 -11.17 19.02
C LYS A 97 -1.75 -12.37 18.93
N LYS A 98 -2.17 -13.49 19.53
CA LYS A 98 -1.41 -14.74 19.46
C LYS A 98 -1.36 -15.28 18.02
N ALA A 99 -0.31 -16.02 17.74
CA ALA A 99 -0.04 -16.54 16.42
C ALA A 99 -1.14 -17.48 15.99
N MET A 100 -1.40 -17.50 14.69
N MET A 100 -1.35 -17.56 14.68
CA MET A 100 -2.31 -18.48 14.11
CA MET A 100 -2.27 -18.53 14.12
C MET A 100 -1.85 -18.81 12.67
C MET A 100 -1.85 -18.80 12.68
N THR A 101 -2.31 -19.94 12.15
CA THR A 101 -2.03 -20.31 10.79
C THR A 101 -3.06 -19.63 9.90
N VAL A 102 -2.77 -19.59 8.61
CA VAL A 102 -3.68 -19.08 7.62
C VAL A 102 -5.01 -19.82 7.68
N GLY A 103 -4.97 -21.14 7.86
CA GLY A 103 -6.16 -21.99 8.02
C GLY A 103 -7.03 -21.47 9.16
N GLU A 104 -6.43 -21.27 10.33
CA GLU A 104 -7.12 -20.70 11.48
C GLU A 104 -7.64 -19.29 11.25
N TYR A 105 -6.82 -18.47 10.62
CA TYR A 105 -7.21 -17.12 10.30
C TYR A 105 -8.43 -17.07 9.36
N ARG A 106 -8.45 -17.94 8.35
CA ARG A 106 -9.56 -17.97 7.39
C ARG A 106 -10.86 -18.35 8.11
N HIS A 107 -10.77 -19.36 8.99
CA HIS A 107 -11.93 -19.76 9.78
C HIS A 107 -12.46 -18.59 10.66
N LEU A 108 -11.54 -17.86 11.28
CA LEU A 108 -11.87 -16.71 12.07
C LEU A 108 -12.54 -15.62 11.25
N ALA A 109 -11.95 -15.31 10.12
CA ALA A 109 -12.54 -14.32 9.21
C ALA A 109 -13.99 -14.66 8.79
N ASN A 110 -14.26 -15.94 8.63
CA ASN A 110 -15.58 -16.46 8.20
C ASN A 110 -16.58 -16.62 9.35
N SER A 111 -16.12 -16.45 10.58
CA SER A 111 -16.99 -16.56 11.75
C SER A 111 -18.04 -15.43 11.79
N LYS A 112 -19.11 -15.66 12.52
CA LYS A 112 -20.16 -14.64 12.63
C LYS A 112 -19.63 -13.28 13.12
N LYS A 113 -18.68 -13.29 14.05
CA LYS A 113 -18.17 -12.05 14.63
C LYS A 113 -17.49 -11.18 13.56
N TYR A 114 -16.81 -11.79 12.59
CA TYR A 114 -15.94 -11.08 11.65
C TYR A 114 -16.38 -11.10 10.20
N GLN A 115 -17.39 -11.90 9.83
CA GLN A 115 -17.65 -12.17 8.40
C GLN A 115 -18.26 -10.92 7.74
N THR A 116 -18.03 -10.80 6.45
CA THR A 116 -18.69 -9.81 5.66
C THR A 116 -20.25 -9.90 5.78
N PRO A 117 -20.90 -8.77 6.06
CA PRO A 117 -22.35 -8.79 6.09
C PRO A 117 -23.00 -8.93 4.73
N PRO A 118 -24.28 -9.32 4.70
CA PRO A 118 -24.98 -9.28 3.42
C PRO A 118 -24.96 -7.89 2.80
N HIS A 119 -24.80 -7.80 1.49
CA HIS A 119 -24.80 -6.52 0.83
C HIS A 119 -25.17 -6.68 -0.63
N GLN A 120 -25.65 -5.62 -1.26
CA GLN A 120 -26.11 -5.65 -2.68
C GLN A 120 -24.99 -5.61 -3.71
N ASN A 121 -23.92 -4.88 -3.40
CA ASN A 121 -22.88 -4.58 -4.37
C ASN A 121 -21.70 -3.90 -3.66
N PHE A 122 -20.62 -3.58 -4.36
CA PHE A 122 -19.47 -2.95 -3.70
C PHE A 122 -19.85 -1.61 -3.07
N GLU A 123 -20.74 -0.87 -3.73
N GLU A 123 -20.74 -0.86 -3.71
CA GLU A 123 -21.13 0.44 -3.26
CA GLU A 123 -21.08 0.46 -3.21
C GLU A 123 -21.83 0.38 -1.90
C GLU A 123 -21.85 0.39 -1.89
N ASP A 124 -22.77 -0.56 -1.77
CA ASP A 124 -23.46 -0.85 -0.52
C ASP A 124 -22.45 -1.22 0.56
N LEU A 125 -21.49 -2.05 0.21
CA LEU A 125 -20.53 -2.51 1.22
C LEU A 125 -19.65 -1.34 1.70
N GLU A 126 -19.24 -0.47 0.78
CA GLU A 126 -18.42 0.71 1.11
C GLU A 126 -19.18 1.63 2.09
N ARG A 127 -20.47 1.81 1.82
N ARG A 127 -20.47 1.81 1.84
CA ARG A 127 -21.34 2.50 2.76
CA ARG A 127 -21.34 2.53 2.75
C ARG A 127 -21.30 1.90 4.15
C ARG A 127 -21.33 1.90 4.15
N LYS A 128 -21.46 0.58 4.20
CA LYS A 128 -21.46 -0.13 5.45
C LYS A 128 -20.10 0.01 6.16
N TYR A 129 -19.04 -0.08 5.39
CA TYR A 129 -17.69 0.11 5.94
C TYR A 129 -17.56 1.46 6.65
N TRP A 130 -17.79 2.56 5.93
CA TRP A 130 -17.59 3.87 6.55
C TRP A 130 -18.60 4.19 7.65
N LYS A 131 -19.80 3.63 7.58
CA LYS A 131 -20.75 3.79 8.67
C LYS A 131 -20.32 3.10 9.96
N ASN A 132 -19.81 1.89 9.85
CA ASN A 132 -19.64 1.01 10.97
C ASN A 132 -18.23 0.58 11.32
N ARG A 133 -17.23 0.85 10.47
CA ARG A 133 -15.86 0.38 10.73
C ARG A 133 -15.38 0.58 12.20
N ILE A 134 -15.61 1.76 12.76
CA ILE A 134 -15.01 2.12 14.04
C ILE A 134 -15.57 1.30 15.21
N TYR A 135 -16.74 0.70 15.05
CA TYR A 135 -17.38 -0.05 16.09
C TYR A 135 -16.92 -1.48 16.17
N ASN A 136 -16.00 -1.89 15.28
CA ASN A 136 -15.42 -3.21 15.33
C ASN A 136 -13.92 -3.10 15.29
N SER A 137 -13.27 -4.20 15.64
CA SER A 137 -11.84 -4.28 15.63
C SER A 137 -11.40 -5.55 14.93
N PRO A 138 -11.29 -5.51 13.60
CA PRO A 138 -10.90 -6.70 12.83
C PRO A 138 -9.42 -7.04 12.98
N ILE A 139 -9.08 -8.28 12.65
CA ILE A 139 -7.75 -8.78 12.86
C ILE A 139 -7.09 -8.98 11.47
N TYR A 140 -5.90 -8.40 11.31
CA TYR A 140 -5.19 -8.37 10.00
C TYR A 140 -3.89 -9.16 10.14
N GLY A 141 -3.68 -10.09 9.23
CA GLY A 141 -2.42 -10.85 9.14
C GLY A 141 -1.53 -10.10 8.19
N ALA A 142 -0.92 -9.04 8.68
CA ALA A 142 -0.17 -8.10 7.81
C ALA A 142 1.30 -8.33 7.91
N ASP A 143 2.01 -7.95 6.84
CA ASP A 143 3.45 -7.75 6.84
C ASP A 143 4.21 -9.04 7.16
N ILE A 144 3.82 -10.10 6.44
CA ILE A 144 4.48 -11.38 6.56
C ILE A 144 5.45 -11.52 5.40
N SER A 145 6.74 -11.60 5.71
N SER A 145 6.73 -11.61 5.73
CA SER A 145 7.75 -11.83 4.65
CA SER A 145 7.77 -11.86 4.74
C SER A 145 7.49 -13.15 3.97
C SER A 145 7.52 -13.17 3.98
N GLY A 146 7.37 -13.09 2.65
CA GLY A 146 7.10 -14.28 1.82
C GLY A 146 6.48 -13.96 0.47
N SER A 147 6.33 -15.02 -0.32
CA SER A 147 5.79 -14.93 -1.66
C SER A 147 4.90 -16.13 -1.95
N LEU A 148 3.83 -15.87 -2.68
CA LEU A 148 3.00 -16.93 -3.23
C LEU A 148 3.14 -17.11 -4.74
N PHE A 149 4.13 -16.44 -5.36
CA PHE A 149 4.32 -16.62 -6.79
C PHE A 149 5.13 -17.86 -6.98
N ASP A 150 4.77 -18.66 -7.97
CA ASP A 150 5.56 -19.83 -8.33
C ASP A 150 6.89 -19.37 -8.92
N GLU A 151 7.95 -20.09 -8.60
CA GLU A 151 9.29 -19.77 -9.16
C GLU A 151 9.29 -19.81 -10.68
N ASN A 152 8.42 -20.63 -11.29
CA ASN A 152 8.27 -20.73 -12.73
C ASN A 152 7.50 -19.60 -13.40
N THR A 153 6.88 -18.73 -12.62
CA THR A 153 6.15 -17.60 -13.17
C THR A 153 7.17 -16.53 -13.48
N LYS A 154 7.40 -16.32 -14.77
CA LYS A 154 8.46 -15.37 -15.15
C LYS A 154 8.03 -13.93 -15.35
N GLN A 155 6.73 -13.69 -15.51
CA GLN A 155 6.21 -12.32 -15.78
C GLN A 155 5.50 -11.81 -14.51
N TRP A 156 5.89 -10.60 -14.12
CA TRP A 156 5.21 -9.83 -13.05
C TRP A 156 5.22 -10.65 -11.72
N ASN A 157 6.35 -11.33 -11.50
CA ASN A 157 6.58 -12.10 -10.31
C ASN A 157 7.17 -11.11 -9.30
N LEU A 158 6.43 -10.81 -8.25
CA LEU A 158 6.87 -9.77 -7.30
C LEU A 158 8.14 -10.08 -6.49
N GLY A 159 8.51 -11.35 -6.43
CA GLY A 159 9.81 -11.72 -5.91
C GLY A 159 10.98 -11.63 -6.89
N HIS A 160 10.78 -11.26 -8.16
CA HIS A 160 11.85 -11.21 -9.16
C HIS A 160 11.89 -9.90 -9.87
N LEU A 161 11.49 -8.80 -9.21
CA LEU A 161 11.60 -7.51 -9.88
C LEU A 161 13.04 -6.96 -9.69
N GLY A 162 13.44 -5.99 -10.49
CA GLY A 162 14.73 -5.30 -10.20
C GLY A 162 14.72 -4.74 -8.76
N THR A 163 15.84 -4.80 -8.06
CA THR A 163 15.83 -4.27 -6.69
C THR A 163 16.02 -2.75 -6.71
N ILE A 164 15.58 -2.12 -5.64
CA ILE A 164 15.69 -0.68 -5.51
C ILE A 164 17.17 -0.32 -5.35
N GLN A 165 17.92 -1.20 -4.67
CA GLN A 165 19.32 -0.96 -4.44
C GLN A 165 20.06 -0.98 -5.80
N ASP A 166 19.64 -1.85 -6.72
CA ASP A 166 20.28 -1.90 -8.03
C ASP A 166 19.87 -0.73 -8.88
N LEU A 167 18.62 -0.28 -8.73
CA LEU A 167 18.11 0.91 -9.43
C LEU A 167 18.94 2.15 -9.02
N LEU A 168 19.12 2.35 -7.71
N LEU A 168 19.12 2.34 -7.71
CA LEU A 168 19.98 3.44 -7.19
CA LEU A 168 19.93 3.47 -7.22
C LEU A 168 21.37 3.40 -7.74
C LEU A 168 21.39 3.41 -7.66
N GLU A 169 21.97 2.21 -7.67
CA GLU A 169 23.29 2.00 -8.22
C GLU A 169 23.37 2.35 -9.68
N LYS A 170 22.40 1.87 -10.46
CA LYS A 170 22.41 2.13 -11.91
C LYS A 170 22.26 3.63 -12.24
N GLU A 171 21.40 4.31 -11.48
CA GLU A 171 21.16 5.76 -11.67
C GLU A 171 22.25 6.67 -11.15
N CYS A 172 22.73 6.40 -9.94
N CYS A 172 22.70 6.44 -9.92
CA CYS A 172 23.57 7.31 -9.20
CA CYS A 172 23.59 7.35 -9.20
C CYS A 172 25.01 6.85 -9.07
C CYS A 172 25.04 6.87 -9.08
N GLY A 173 25.32 5.62 -9.46
CA GLY A 173 26.65 5.09 -9.46
C GLY A 173 27.17 4.47 -8.18
N VAL A 174 26.40 4.44 -7.11
CA VAL A 174 26.96 3.97 -5.83
C VAL A 174 26.29 2.66 -5.42
N VAL A 175 27.09 1.71 -4.98
CA VAL A 175 26.61 0.45 -4.52
C VAL A 175 26.17 0.69 -3.08
N ILE A 176 25.06 0.06 -2.68
CA ILE A 176 24.63 0.13 -1.28
C ILE A 176 24.19 -1.24 -0.78
N GLU A 177 24.26 -1.39 0.54
CA GLU A 177 23.68 -2.53 1.23
C GLU A 177 22.16 -2.53 1.14
N GLY A 178 21.56 -3.68 1.46
CA GLY A 178 20.12 -3.78 1.56
C GLY A 178 19.56 -4.77 0.56
N VAL A 179 18.40 -5.30 0.94
CA VAL A 179 17.61 -6.19 0.11
C VAL A 179 16.11 -5.69 0.22
N ASN A 180 15.32 -6.06 -0.77
N ASN A 180 15.31 -5.79 -0.85
CA ASN A 180 13.91 -5.70 -0.88
CA ASN A 180 13.81 -5.63 -0.76
C ASN A 180 13.21 -7.04 -1.14
C ASN A 180 13.16 -6.96 -1.12
N THR A 181 12.33 -7.51 -0.23
CA THR A 181 11.56 -8.75 -0.50
C THR A 181 10.06 -8.53 -0.31
N PRO A 182 9.24 -9.41 -0.91
CA PRO A 182 7.78 -9.13 -0.81
C PRO A 182 7.20 -9.53 0.53
N TYR A 183 6.01 -9.02 0.76
CA TYR A 183 5.24 -9.27 1.97
C TYR A 183 3.85 -9.76 1.61
N LEU A 184 3.31 -10.64 2.45
CA LEU A 184 1.97 -11.15 2.30
C LEU A 184 1.09 -10.46 3.33
N TYR A 185 -0.16 -10.26 2.93
CA TYR A 185 -1.23 -9.67 3.78
C TYR A 185 -2.42 -10.58 3.73
N PHE A 186 -2.83 -11.15 4.85
CA PHE A 186 -4.08 -11.90 4.93
C PHE A 186 -5.11 -11.01 5.59
N GLY A 187 -6.19 -10.74 4.87
CA GLY A 187 -7.18 -9.76 5.24
C GLY A 187 -8.53 -10.37 5.59
N MET A 188 -9.37 -9.59 6.28
CA MET A 188 -10.75 -9.97 6.55
C MET A 188 -11.62 -8.70 6.41
N TRP A 189 -12.94 -8.87 6.44
CA TRP A 189 -13.85 -7.70 6.45
C TRP A 189 -13.40 -6.60 7.43
N LYS A 190 -13.35 -5.38 6.91
CA LYS A 190 -13.01 -4.14 7.64
C LYS A 190 -11.55 -3.91 7.96
N THR A 191 -10.71 -4.90 7.67
N THR A 191 -10.67 -4.86 7.63
CA THR A 191 -9.27 -4.72 7.69
CA THR A 191 -9.24 -4.62 7.81
C THR A 191 -8.93 -3.45 6.89
C THR A 191 -8.85 -3.49 6.87
N THR A 192 -8.06 -2.60 7.43
CA THR A 192 -7.91 -1.23 6.97
C THR A 192 -6.42 -0.93 6.75
N PHE A 193 -6.11 -0.30 5.61
CA PHE A 193 -4.82 0.38 5.48
C PHE A 193 -4.98 1.88 5.52
N ALA A 194 -4.28 2.50 6.45
CA ALA A 194 -4.34 3.93 6.65
C ALA A 194 -3.77 4.75 5.47
N TRP A 195 -4.12 6.04 5.45
CA TRP A 195 -3.58 7.01 4.47
C TRP A 195 -2.07 7.08 4.54
N HIS A 196 -1.39 6.75 3.44
CA HIS A 196 0.06 6.87 3.42
C HIS A 196 0.59 6.94 2.00
N THR A 197 1.83 7.41 1.86
CA THR A 197 2.63 7.11 0.70
C THR A 197 3.65 6.05 1.13
N GLU A 198 4.38 5.50 0.16
CA GLU A 198 5.37 4.49 0.54
C GLU A 198 6.62 5.10 1.16
N ASP A 199 7.40 4.25 1.83
CA ASP A 199 8.72 4.65 2.32
C ASP A 199 9.51 5.33 1.18
N MET A 200 10.09 6.50 1.47
CA MET A 200 10.87 7.22 0.51
C MET A 200 10.10 7.62 -0.77
N ASP A 201 8.77 7.64 -0.68
CA ASP A 201 7.87 7.86 -1.82
C ASP A 201 8.15 6.94 -3.02
N LEU A 202 8.46 5.69 -2.69
CA LEU A 202 8.66 4.63 -3.66
C LEU A 202 7.32 4.29 -4.36
N TYR A 203 7.44 3.57 -5.45
CA TYR A 203 6.31 2.93 -6.05
C TYR A 203 6.01 1.68 -5.20
N SER A 204 4.81 1.14 -5.33
N SER A 204 4.80 1.14 -5.33
CA SER A 204 4.50 -0.20 -4.82
CA SER A 204 4.47 -0.17 -4.77
C SER A 204 3.68 -0.94 -5.87
C SER A 204 3.65 -0.93 -5.81
N ILE A 205 3.77 -2.26 -5.80
CA ILE A 205 2.96 -3.13 -6.59
C ILE A 205 2.27 -4.12 -5.65
N ASN A 206 0.98 -4.37 -5.88
N ASN A 206 1.00 -4.41 -5.93
CA ASN A 206 0.10 -5.17 -5.00
CA ASN A 206 0.11 -5.07 -5.00
C ASN A 206 -0.63 -6.10 -5.93
C ASN A 206 -0.78 -6.08 -5.77
N TYR A 207 -0.53 -7.39 -5.63
CA TYR A 207 -1.28 -8.44 -6.36
C TYR A 207 -2.30 -9.11 -5.37
N LEU A 208 -3.53 -9.18 -5.78
CA LEU A 208 -4.56 -9.82 -4.95
C LEU A 208 -4.66 -11.28 -5.41
N HIS A 209 -4.02 -12.15 -4.63
CA HIS A 209 -3.89 -13.54 -4.99
C HIS A 209 -5.24 -14.31 -4.93
N LEU A 210 -6.04 -13.99 -3.91
N LEU A 210 -6.05 -14.03 -3.92
CA LEU A 210 -7.18 -14.87 -3.59
CA LEU A 210 -7.26 -14.81 -3.74
C LEU A 210 -8.20 -14.13 -2.75
C LEU A 210 -8.21 -14.14 -2.79
N GLY A 211 -9.47 -14.51 -2.92
CA GLY A 211 -10.54 -14.13 -2.01
C GLY A 211 -11.26 -12.86 -2.40
N GLU A 212 -11.74 -12.18 -1.38
CA GLU A 212 -12.64 -11.05 -1.56
C GLU A 212 -11.90 -9.75 -1.92
N PRO A 213 -12.64 -8.76 -2.44
CA PRO A 213 -11.98 -7.58 -2.94
C PRO A 213 -11.28 -6.69 -1.91
N LYS A 214 -10.56 -5.73 -2.48
CA LYS A 214 -9.93 -4.67 -1.73
C LYS A 214 -10.25 -3.35 -2.39
N THR A 215 -10.87 -2.45 -1.63
CA THR A 215 -11.24 -1.13 -2.10
C THR A 215 -10.13 -0.12 -1.73
N TRP A 216 -9.75 0.69 -2.72
CA TRP A 216 -8.70 1.64 -2.61
C TRP A 216 -9.22 3.09 -2.83
N TYR A 217 -8.60 4.03 -2.13
CA TYR A 217 -8.76 5.51 -2.32
C TYR A 217 -7.37 6.07 -2.59
N VAL A 218 -7.27 7.06 -3.46
CA VAL A 218 -5.96 7.58 -3.84
C VAL A 218 -6.05 9.09 -4.16
N VAL A 219 -5.07 9.84 -3.71
CA VAL A 219 -4.93 11.25 -4.04
C VAL A 219 -3.82 11.38 -5.11
N PRO A 220 -4.08 12.13 -6.21
CA PRO A 220 -3.04 12.39 -7.23
C PRO A 220 -1.78 12.96 -6.60
N PRO A 221 -0.61 12.47 -7.02
CA PRO A 221 0.61 12.97 -6.43
C PRO A 221 0.73 14.49 -6.46
N GLU A 222 0.28 15.10 -7.54
CA GLU A 222 0.35 16.57 -7.62
C GLU A 222 -0.48 17.31 -6.54
N HIS A 223 -1.42 16.61 -5.90
CA HIS A 223 -2.27 17.17 -4.83
C HIS A 223 -2.04 16.58 -3.42
N GLY A 224 -0.94 15.84 -3.23
CA GLY A 224 -0.68 15.17 -1.95
C GLY A 224 -0.63 16.17 -0.80
N GLN A 225 -0.11 17.36 -1.04
CA GLN A 225 0.00 18.36 0.02
C GLN A 225 -1.36 18.83 0.51
N ARG A 226 -2.37 18.80 -0.36
CA ARG A 226 -3.73 19.09 0.06
C ARG A 226 -4.23 18.09 1.09
N LEU A 227 -3.94 16.79 0.85
CA LEU A 227 -4.28 15.79 1.81
C LEU A 227 -3.54 16.02 3.13
N GLU A 228 -2.26 16.35 3.06
CA GLU A 228 -1.45 16.55 4.26
C GLU A 228 -2.00 17.68 5.14
N ARG A 229 -2.39 18.78 4.50
N ARG A 229 -2.37 18.78 4.48
CA ARG A 229 -2.91 19.93 5.22
CA ARG A 229 -2.94 19.93 5.16
C ARG A 229 -4.29 19.69 5.82
C ARG A 229 -4.22 19.56 5.88
N LEU A 230 -5.13 18.87 5.19
CA LEU A 230 -6.38 18.43 5.84
C LEU A 230 -6.08 17.52 7.05
N ALA A 231 -5.12 16.59 6.89
CA ALA A 231 -4.77 15.72 7.95
C ALA A 231 -4.28 16.50 9.20
N ARG A 232 -3.43 17.52 9.01
N ARG A 232 -3.41 17.49 9.00
CA ARG A 232 -2.96 18.31 10.15
CA ARG A 232 -2.93 18.34 10.10
C ARG A 232 -4.13 18.98 10.86
C ARG A 232 -4.11 18.97 10.85
N GLU A 233 -5.11 19.42 10.09
CA GLU A 233 -6.33 20.00 10.63
C GLU A 233 -7.20 18.96 11.39
N LEU A 234 -7.29 17.75 10.87
CA LEU A 234 -8.14 16.72 11.47
C LEU A 234 -7.52 15.94 12.64
N PHE A 235 -6.19 15.92 12.71
CA PHE A 235 -5.46 15.22 13.74
C PHE A 235 -4.45 16.20 14.34
N PRO A 236 -4.96 17.22 15.05
CA PRO A 236 -4.05 18.27 15.48
C PRO A 236 -2.94 17.86 16.47
N GLY A 237 -3.26 17.01 17.43
CA GLY A 237 -2.27 16.47 18.35
C GLY A 237 -1.21 15.63 17.68
N SER A 238 -1.64 14.76 16.76
CA SER A 238 -0.68 13.96 15.96
C SER A 238 0.28 14.86 15.16
N SER A 239 -0.28 15.92 14.60
CA SER A 239 0.50 16.80 13.77
C SER A 239 1.55 17.56 14.57
N ARG A 240 1.19 18.06 15.76
N ARG A 240 1.19 18.05 15.76
CA ARG A 240 2.17 18.65 16.69
CA ARG A 240 2.14 18.67 16.68
C ARG A 240 3.27 17.66 17.04
C ARG A 240 3.24 17.68 17.09
N GLY A 241 2.91 16.40 17.20
CA GLY A 241 3.88 15.38 17.56
C GLY A 241 4.93 15.05 16.52
N CYS A 242 4.59 15.22 15.23
CA CYS A 242 5.48 14.83 14.16
C CYS A 242 5.04 15.52 12.87
N GLY A 243 5.99 16.20 12.23
CA GLY A 243 5.76 16.89 10.96
C GLY A 243 5.44 16.00 9.79
N ALA A 244 5.57 14.68 9.94
CA ALA A 244 5.21 13.74 8.88
C ALA A 244 4.43 12.55 9.48
N PHE A 245 3.41 12.85 10.29
CA PHE A 245 2.73 11.80 11.05
C PHE A 245 1.99 10.80 10.20
N LEU A 246 1.66 11.20 8.97
CA LEU A 246 1.02 10.22 8.03
C LEU A 246 1.89 8.98 7.78
N ARG A 247 3.21 9.14 7.91
CA ARG A 247 4.16 8.01 7.92
C ARG A 247 3.94 6.99 9.01
N HIS A 248 3.21 7.35 10.06
CA HIS A 248 2.85 6.38 11.13
C HIS A 248 1.82 5.36 10.68
N LYS A 249 1.09 5.71 9.62
CA LYS A 249 0.11 4.86 9.01
C LYS A 249 -0.97 4.48 9.96
N VAL A 250 -1.60 5.48 10.58
CA VAL A 250 -2.69 5.24 11.53
C VAL A 250 -3.94 6.09 11.27
N ALA A 251 -3.89 7.01 10.31
CA ALA A 251 -4.98 8.00 10.14
C ALA A 251 -5.87 7.61 8.99
N LEU A 252 -7.18 7.60 9.26
CA LEU A 252 -8.22 7.35 8.24
C LEU A 252 -9.13 8.56 8.15
N ILE A 253 -9.44 8.92 6.88
CA ILE A 253 -10.35 9.99 6.49
C ILE A 253 -11.25 9.43 5.37
N SER A 254 -12.55 9.54 5.54
CA SER A 254 -13.53 8.91 4.62
C SER A 254 -13.70 9.69 3.34
N PRO A 255 -14.21 9.04 2.30
CA PRO A 255 -14.47 9.82 1.07
C PRO A 255 -15.44 10.98 1.25
N THR A 256 -16.38 10.83 2.17
CA THR A 256 -17.34 11.91 2.41
C THR A 256 -16.65 13.14 2.99
N VAL A 257 -15.73 12.91 3.93
CA VAL A 257 -14.93 13.97 4.52
C VAL A 257 -13.99 14.61 3.48
N LEU A 258 -13.33 13.81 2.65
CA LEU A 258 -12.48 14.36 1.59
C LEU A 258 -13.30 15.26 0.68
N LYS A 259 -14.46 14.77 0.25
CA LYS A 259 -15.40 15.57 -0.65
C LYS A 259 -15.81 16.83 0.04
N GLU A 260 -16.13 16.77 1.32
CA GLU A 260 -16.57 17.99 2.09
C GLU A 260 -15.49 19.06 2.08
N ASN A 261 -14.22 18.61 2.13
CA ASN A 261 -13.06 19.46 2.15
C ASN A 261 -12.34 19.74 0.79
N GLY A 262 -12.97 19.36 -0.28
CA GLY A 262 -12.46 19.65 -1.61
C GLY A 262 -11.18 18.96 -1.98
N ILE A 263 -10.90 17.81 -1.33
CA ILE A 263 -9.68 17.10 -1.59
C ILE A 263 -9.85 16.24 -2.83
N PRO A 264 -8.98 16.42 -3.83
CA PRO A 264 -9.11 15.59 -5.04
C PRO A 264 -8.68 14.13 -4.73
N PHE A 265 -9.53 13.19 -5.13
CA PHE A 265 -9.22 11.79 -4.95
C PHE A 265 -10.04 10.93 -5.90
N ASN A 266 -9.68 9.65 -5.94
CA ASN A 266 -10.38 8.66 -6.74
C ASN A 266 -10.47 7.36 -5.95
N ARG A 267 -11.34 6.47 -6.38
CA ARG A 267 -11.50 5.20 -5.75
C ARG A 267 -11.64 4.12 -6.80
N ILE A 268 -11.29 2.91 -6.40
CA ILE A 268 -11.48 1.75 -7.25
C ILE A 268 -11.46 0.51 -6.42
N THR A 269 -12.16 -0.54 -6.86
CA THR A 269 -12.08 -1.85 -6.18
C THR A 269 -11.24 -2.84 -6.97
N GLN A 270 -10.27 -3.43 -6.29
CA GLN A 270 -9.40 -4.46 -6.83
C GLN A 270 -10.00 -5.83 -6.50
N GLU A 271 -9.99 -6.72 -7.51
CA GLU A 271 -10.46 -8.09 -7.38
C GLU A 271 -9.34 -9.08 -7.56
N ALA A 272 -9.57 -10.29 -7.07
CA ALA A 272 -8.56 -11.35 -7.14
C ALA A 272 -8.09 -11.52 -8.59
N GLY A 273 -6.79 -11.68 -8.77
CA GLY A 273 -6.16 -11.78 -10.09
C GLY A 273 -5.68 -10.50 -10.72
N GLU A 274 -5.80 -9.39 -10.04
CA GLU A 274 -5.49 -8.07 -10.52
C GLU A 274 -4.38 -7.43 -9.73
N PHE A 275 -3.54 -6.66 -10.43
CA PHE A 275 -2.45 -5.91 -9.85
C PHE A 275 -2.86 -4.45 -9.69
N MET A 276 -2.36 -3.81 -8.65
CA MET A 276 -2.46 -2.36 -8.47
C MET A 276 -1.02 -1.88 -8.28
N VAL A 277 -0.70 -0.82 -9.01
CA VAL A 277 0.54 -0.11 -8.86
C VAL A 277 0.26 1.27 -8.26
N THR A 278 0.92 1.59 -7.17
CA THR A 278 0.91 2.97 -6.66
C THR A 278 2.22 3.68 -7.11
N PHE A 279 2.07 4.97 -7.44
CA PHE A 279 3.15 5.76 -8.01
C PHE A 279 3.76 6.67 -6.95
N PRO A 280 4.98 7.17 -7.18
CA PRO A 280 5.63 7.99 -6.17
C PRO A 280 4.77 9.17 -5.65
N TYR A 281 4.63 9.22 -4.34
CA TYR A 281 3.93 10.23 -3.61
C TYR A 281 2.41 10.20 -3.85
N GLY A 282 1.88 9.05 -4.28
CA GLY A 282 0.46 8.86 -4.40
C GLY A 282 -0.10 8.36 -3.06
N TYR A 283 -0.78 9.22 -2.30
CA TYR A 283 -1.38 8.83 -0.99
C TYR A 283 -2.48 7.86 -1.28
N HIS A 284 -2.52 6.76 -0.54
CA HIS A 284 -3.60 5.85 -0.67
C HIS A 284 -4.00 5.24 0.67
N ALA A 285 -5.22 4.71 0.68
CA ALA A 285 -5.85 4.07 1.87
C ALA A 285 -6.89 3.10 1.35
N GLY A 286 -7.43 2.24 2.20
CA GLY A 286 -8.47 1.36 1.74
C GLY A 286 -8.83 0.28 2.73
N PHE A 287 -9.57 -0.71 2.24
CA PHE A 287 -10.08 -1.76 3.15
C PHE A 287 -10.41 -3.04 2.42
N ASN A 288 -10.43 -4.13 3.18
CA ASN A 288 -10.72 -5.44 2.62
C ASN A 288 -12.18 -5.80 2.80
N HIS A 289 -12.74 -6.47 1.79
CA HIS A 289 -14.16 -6.82 1.80
C HIS A 289 -14.46 -8.08 2.61
N GLY A 290 -13.47 -8.93 2.78
CA GLY A 290 -13.62 -10.24 3.33
C GLY A 290 -12.29 -10.96 3.33
N PHE A 291 -12.31 -12.25 3.63
CA PHE A 291 -11.07 -13.03 3.63
C PHE A 291 -10.34 -12.87 2.28
N ASN A 292 -9.09 -12.50 2.35
CA ASN A 292 -8.27 -12.41 1.16
C ASN A 292 -6.77 -12.52 1.47
N CYS A 293 -5.96 -12.59 0.43
CA CYS A 293 -4.52 -12.63 0.51
C CYS A 293 -3.94 -11.78 -0.61
N ALA A 294 -3.13 -10.80 -0.24
CA ALA A 294 -2.44 -9.99 -1.21
C ALA A 294 -0.98 -10.06 -0.96
N GLU A 295 -0.20 -9.76 -2.01
CA GLU A 295 1.27 -9.75 -1.92
C GLU A 295 1.70 -8.40 -2.42
N ALA A 296 2.64 -7.74 -1.73
CA ALA A 296 3.07 -6.44 -2.12
C ALA A 296 4.59 -6.23 -1.94
N ILE A 297 5.14 -5.33 -2.73
CA ILE A 297 6.55 -4.92 -2.60
C ILE A 297 6.73 -3.49 -3.13
N ASN A 298 7.77 -2.78 -2.65
CA ASN A 298 8.13 -1.48 -3.25
C ASN A 298 9.05 -1.71 -4.40
N PHE A 299 9.04 -0.81 -5.38
CA PHE A 299 10.03 -0.81 -6.44
C PHE A 299 10.32 0.66 -6.85
N ALA A 300 11.35 0.81 -7.68
CA ALA A 300 11.80 2.09 -8.14
C ALA A 300 12.02 2.09 -9.64
N THR A 301 12.04 3.28 -10.19
CA THR A 301 12.42 3.49 -11.58
C THR A 301 13.27 4.75 -11.62
N PRO A 302 13.84 5.05 -12.80
CA PRO A 302 14.63 6.29 -12.83
C PRO A 302 13.82 7.54 -12.44
N ARG A 303 12.53 7.55 -12.75
CA ARG A 303 11.65 8.67 -12.38
C ARG A 303 11.45 8.88 -10.86
N TRP A 304 11.59 7.80 -10.11
CA TRP A 304 11.45 7.88 -8.67
C TRP A 304 12.56 8.72 -8.00
N ILE A 305 13.76 8.74 -8.54
CA ILE A 305 14.92 9.31 -7.83
C ILE A 305 14.63 10.74 -7.31
N ASP A 306 14.04 11.58 -8.14
CA ASP A 306 13.65 12.95 -7.69
C ASP A 306 12.66 12.95 -6.57
N TYR A 307 11.75 11.99 -6.58
CA TYR A 307 10.83 11.85 -5.45
C TYR A 307 11.54 11.42 -4.15
N GLY A 308 12.41 10.41 -4.26
CA GLY A 308 13.19 9.97 -3.15
C GLY A 308 14.00 11.07 -2.48
N LYS A 309 14.62 11.93 -3.28
CA LYS A 309 15.34 13.09 -2.79
C LYS A 309 14.51 14.08 -1.99
N MET A 310 13.21 14.15 -2.28
CA MET A 310 12.33 15.13 -1.65
C MET A 310 11.40 14.53 -0.62
N ALA A 311 11.43 13.21 -0.39
CA ALA A 311 10.47 12.57 0.52
C ALA A 311 10.57 13.11 1.97
N SER A 312 9.43 13.39 2.60
N SER A 312 9.41 13.33 2.58
CA SER A 312 9.43 13.84 4.01
CA SER A 312 9.33 13.67 4.00
C SER A 312 9.61 12.64 4.88
C SER A 312 9.92 12.52 4.77
N GLN A 313 10.34 12.81 5.99
CA GLN A 313 10.74 11.74 6.89
C GLN A 313 10.11 11.92 8.24
N CYS A 314 9.75 10.83 8.87
CA CYS A 314 9.35 10.83 10.26
C CYS A 314 10.66 10.62 11.07
N SER A 315 10.97 11.56 11.93
CA SER A 315 12.16 11.49 12.81
C SER A 315 11.76 11.46 14.30
N CYS A 316 10.45 11.33 14.55
CA CYS A 316 9.90 11.43 15.89
C CYS A 316 10.03 10.12 16.65
N GLY A 317 10.47 9.04 16.00
CA GLY A 317 10.59 7.76 16.70
C GLY A 317 9.49 6.76 16.38
N GLU A 318 8.29 7.24 16.02
CA GLU A 318 7.13 6.37 15.85
C GLU A 318 7.23 5.44 14.63
N ALA A 319 7.51 6.01 13.46
CA ALA A 319 7.57 5.22 12.23
C ALA A 319 8.92 4.55 12.08
N ARG A 320 9.21 3.58 12.95
CA ARG A 320 10.39 2.74 12.79
C ARG A 320 10.20 1.91 11.52
N VAL A 321 11.28 1.77 10.75
CA VAL A 321 11.24 1.00 9.49
C VAL A 321 12.43 0.01 9.43
N THR A 322 12.68 -0.49 8.22
CA THR A 322 13.73 -1.46 7.94
C THR A 322 15.08 -0.77 7.76
N PHE A 323 16.14 -1.54 8.06
CA PHE A 323 17.51 -1.08 7.87
C PHE A 323 17.72 -0.69 6.41
N SER A 324 16.96 -1.31 5.50
CA SER A 324 16.89 -0.94 4.07
C SER A 324 16.81 0.55 3.75
N MET A 325 15.97 1.28 4.47
CA MET A 325 15.80 2.74 4.20
C MET A 325 17.04 3.55 4.53
N ASP A 326 17.90 3.04 5.42
CA ASP A 326 19.10 3.77 5.87
C ASP A 326 19.89 4.33 4.69
N ALA A 327 20.21 3.47 3.75
CA ALA A 327 21.04 3.79 2.60
C ALA A 327 20.36 4.82 1.77
N PHE A 328 19.04 4.67 1.61
N PHE A 328 19.06 4.71 1.59
CA PHE A 328 18.26 5.56 0.76
CA PHE A 328 18.35 5.67 0.75
C PHE A 328 18.33 6.97 1.34
C PHE A 328 18.32 7.04 1.35
N VAL A 329 18.15 7.11 2.66
CA VAL A 329 18.22 8.40 3.33
C VAL A 329 19.66 8.93 3.28
N ARG A 330 20.62 8.04 3.56
CA ARG A 330 22.03 8.41 3.65
C ARG A 330 22.53 9.02 2.31
N ILE A 331 22.17 8.39 1.20
CA ILE A 331 22.67 8.84 -0.13
C ILE A 331 21.78 9.96 -0.71
N LEU A 332 20.47 9.80 -0.64
CA LEU A 332 19.58 10.77 -1.22
C LEU A 332 19.32 12.04 -0.40
N GLN A 333 19.39 11.93 0.92
N GLN A 333 19.35 11.94 0.92
CA GLN A 333 19.04 13.02 1.84
CA GLN A 333 19.04 13.06 1.80
C GLN A 333 20.09 13.18 2.95
C GLN A 333 20.07 13.19 2.91
N PRO A 334 21.35 13.42 2.55
CA PRO A 334 22.43 13.51 3.53
C PRO A 334 22.20 14.51 4.66
N GLU A 335 21.60 15.66 4.36
N GLU A 335 21.62 15.67 4.36
CA GLU A 335 21.33 16.66 5.39
CA GLU A 335 21.34 16.63 5.42
C GLU A 335 20.33 16.18 6.47
C GLU A 335 20.38 16.12 6.49
N ARG A 336 19.42 15.30 6.09
CA ARG A 336 18.38 14.77 6.99
C ARG A 336 18.80 13.52 7.72
N TYR A 337 19.92 12.93 7.31
CA TYR A 337 20.28 11.59 7.70
C TYR A 337 20.49 11.46 9.24
N ASP A 338 21.31 12.34 9.81
CA ASP A 338 21.56 12.33 11.27
C ASP A 338 20.31 12.36 12.14
N LEU A 339 19.45 13.33 11.90
CA LEU A 339 18.17 13.42 12.60
C LEU A 339 17.28 12.18 12.37
N TRP A 340 17.16 11.74 11.13
CA TRP A 340 16.36 10.57 10.85
C TRP A 340 16.90 9.34 11.59
N LYS A 341 18.23 9.20 11.60
CA LYS A 341 18.92 8.15 12.32
C LYS A 341 18.61 8.15 13.82
N ARG A 342 18.68 9.31 14.47
CA ARG A 342 18.28 9.44 15.88
C ARG A 342 16.82 8.90 16.10
N GLY A 343 15.92 9.16 15.15
CA GLY A 343 14.55 8.63 15.20
C GLY A 343 14.47 7.13 15.05
N GLN A 344 15.42 6.54 14.32
CA GLN A 344 15.62 5.09 14.31
C GLN A 344 16.49 4.78 15.51
ZN ZN B . 6.74 10.60 13.38
NI NI C . 1.01 1.28 0.25
C1 EDO D . -18.77 8.91 7.90
O1 EDO D . -18.52 7.51 8.03
C2 EDO D . -18.25 9.43 6.57
O2 EDO D . -17.39 10.50 6.85
C1 EDO E . 9.58 -9.25 -13.82
O1 EDO E . 10.10 -9.69 -15.08
C2 EDO E . 9.71 -10.38 -12.83
O2 EDO E . 8.80 -11.41 -13.16
C1 EDO F . -19.04 10.03 -1.04
O1 EDO F . -17.97 10.40 -1.89
C2 EDO F . -19.45 8.60 -1.33
O2 EDO F . -18.67 7.67 -0.56
C1 EDO G . -15.61 2.00 -4.84
O1 EDO G . -14.73 1.16 -5.62
C2 EDO G . -16.59 1.12 -4.09
O2 EDO G . -17.10 0.15 -5.00
S SO4 H . 0.34 -25.46 -5.89
O1 SO4 H . -1.00 -26.08 -6.10
O2 SO4 H . 0.39 -24.12 -6.53
O3 SO4 H . 0.61 -25.36 -4.42
O4 SO4 H . 1.38 -26.35 -6.49
S SO4 I . -26.63 -0.70 7.60
O1 SO4 I . -26.98 0.64 8.09
O2 SO4 I . -26.71 -0.66 6.12
O3 SO4 I . -25.25 -1.07 8.07
O4 SO4 I . -27.59 -1.69 8.13
S SO4 J . -21.36 -4.13 9.22
O1 SO4 J . -22.71 -4.58 8.77
O2 SO4 J . -20.93 -3.02 8.36
O3 SO4 J . -21.43 -3.64 10.61
O4 SO4 J . -20.43 -5.27 9.17
C1 EDO K . -15.17 -13.88 4.51
O1 EDO K . -14.20 -13.23 5.29
C2 EDO K . -16.38 -14.14 5.37
O2 EDO K . -17.19 -13.00 5.30
C10 5V3 L . -0.11 -0.91 1.83
C13 5V3 L . -2.30 -1.71 0.22
C01 5V3 L . 2.50 -1.19 0.53
C02 5V3 L . 3.73 -2.10 0.86
C03 5V3 L . 4.99 -1.75 0.40
C04 5V3 L . 6.12 -2.53 0.70
C05 5V3 L . 5.97 -3.68 1.44
C06 5V3 L . 4.71 -4.04 1.90
C07 5V3 L . 3.59 -3.24 1.61
N08 5V3 L . 2.18 -0.18 1.55
C09 5V3 L . 1.16 -0.48 2.58
C11 5V3 L . -0.95 -1.97 2.30
C12 5V3 L . -2.03 -2.36 1.54
C14 5V3 L . -1.45 -0.70 -0.18
N15 5V3 L . -0.39 -0.31 0.60
C16 5V3 L . -2.95 -3.45 2.00
N17 5V3 L . -2.69 -4.03 3.26
C18 5V3 L . -1.58 -3.64 4.07
N19 5V3 L . -0.68 -2.59 3.59
O20 5V3 L . -3.87 -3.79 1.31
#